data_6R9K
#
_entry.id   6R9K
#
_entity_poly.entity_id   1
_entity_poly.type   'polydeoxyribonucleotide'
_entity_poly.pdbx_seq_one_letter_code
;(DG)(DC)(DG)(DT)(DG)(BGM)(BGM)(DT)(DC)(DA)(DG)(DG)(DG)(DT)(DG)(DG)(DG)(DT)(DG)
(DG)(DG)(DA)(DC)(DG)(DC)
;
_entity_poly.pdbx_strand_id   A
#